data_4E16
#
_entry.id   4E16
#
_cell.length_a   60.245
_cell.length_b   60.245
_cell.length_c   147.955
_cell.angle_alpha   90.000
_cell.angle_beta   90.000
_cell.angle_gamma   90.000
#
_symmetry.space_group_name_H-M   'P 43 21 2'
#
_entity_poly.entity_id   1
_entity_poly.type   'polypeptide(L)'
_entity_poly.pdbx_seq_one_letter_code
;SNAMNKVHFVGAGPGDKELITLKGYKLLSNADVVIYAGSLVNPELLEYCKEDCQIHNSAHMDLQEIIDVMREGIENNKSV
VRLQTGDFSIYGSIREQVEDLNKLNIDYDCTPGVSSFLGAASSLGVEYTVPEISQSVIITRMEGRTPVPEKESIQSYAKH
QTSMVIFLSVQEIEKVVSKLLEGGYPKDTPIAVIYKATWADEKIVKGTLSDIAVKVKENNINKTALIMVGRFLGEEYNNS
KLYDKDFKHEYRG
;
_entity_poly.pdbx_strand_id   A
#
# COMPACT_ATOMS: atom_id res chain seq x y z
N MET A 4 -14.42 -21.41 13.92
CA MET A 4 -14.95 -20.42 14.91
C MET A 4 -15.85 -19.34 14.21
N ASN A 5 -15.84 -18.13 14.76
CA ASN A 5 -16.18 -16.88 14.08
C ASN A 5 -14.90 -16.09 14.28
N LYS A 6 -13.97 -16.25 13.34
CA LYS A 6 -12.68 -15.57 13.40
C LYS A 6 -12.79 -14.08 13.08
N VAL A 7 -11.86 -13.30 13.59
CA VAL A 7 -11.81 -11.90 13.18
C VAL A 7 -11.11 -12.02 11.86
N HIS A 8 -11.65 -11.36 10.83
CA HIS A 8 -11.10 -11.49 9.48
C HIS A 8 -10.34 -10.29 9.06
N PHE A 9 -9.03 -10.44 8.91
CA PHE A 9 -8.19 -9.38 8.38
C PHE A 9 -8.15 -9.49 6.86
N VAL A 10 -8.54 -8.41 6.20
CA VAL A 10 -8.85 -8.42 4.80
C VAL A 10 -8.09 -7.32 4.07
N GLY A 11 -7.37 -7.68 3.00
CA GLY A 11 -6.69 -6.71 2.17
C GLY A 11 -7.68 -6.11 1.19
N ALA A 12 -7.74 -4.79 1.22
CA ALA A 12 -8.66 -3.95 0.51
C ALA A 12 -8.26 -3.73 -0.93
N GLY A 13 -6.99 -4.03 -1.23
CA GLY A 13 -6.48 -3.71 -2.58
C GLY A 13 -5.97 -2.28 -2.72
N PRO A 14 -5.63 -1.84 -3.94
CA PRO A 14 -4.93 -0.55 -3.99
C PRO A 14 -5.79 0.69 -4.17
N GLY A 15 -7.11 0.52 -4.22
CA GLY A 15 -7.98 1.69 -4.26
C GLY A 15 -9.24 1.44 -5.04
N ASP A 16 -9.11 0.87 -6.21
CA ASP A 16 -10.31 0.51 -6.99
C ASP A 16 -11.22 -0.50 -6.25
N LYS A 17 -12.46 -0.07 -6.10
CA LYS A 17 -13.60 -0.79 -5.55
C LYS A 17 -13.46 -2.31 -5.88
N GLU A 18 -13.33 -2.59 -7.16
CA GLU A 18 -13.37 -3.92 -7.74
C GLU A 18 -12.09 -4.71 -7.67
N LEU A 19 -11.03 -4.11 -7.15
CA LEU A 19 -9.79 -4.83 -7.01
C LEU A 19 -9.68 -5.50 -5.67
N ILE A 20 -10.76 -5.49 -4.87
CA ILE A 20 -10.76 -6.35 -3.70
C ILE A 20 -10.85 -7.77 -4.26
N THR A 21 -10.27 -8.74 -3.56
CA THR A 21 -10.52 -10.15 -3.90
C THR A 21 -11.99 -10.56 -3.77
N LEU A 22 -12.39 -11.49 -4.61
CA LEU A 22 -13.66 -12.17 -4.40
C LEU A 22 -13.85 -12.56 -2.95
N LYS A 23 -12.87 -13.22 -2.32
CA LYS A 23 -12.99 -13.66 -0.89
C LYS A 23 -13.22 -12.48 0.04
N GLY A 24 -12.44 -11.45 -0.21
CA GLY A 24 -12.61 -10.20 0.50
C GLY A 24 -14.00 -9.66 0.38
N TYR A 25 -14.49 -9.57 -0.85
CA TYR A 25 -15.83 -9.09 -1.09
C TYR A 25 -16.93 -9.87 -0.31
N LYS A 26 -16.84 -11.22 -0.31
CA LYS A 26 -17.83 -12.06 0.42
C LYS A 26 -17.86 -11.73 1.89
N LEU A 27 -16.67 -11.64 2.48
CA LEU A 27 -16.53 -11.38 3.91
C LEU A 27 -17.01 -10.01 4.19
N LEU A 28 -16.62 -9.06 3.35
CA LEU A 28 -17.08 -7.67 3.59
C LEU A 28 -18.59 -7.52 3.45
N SER A 29 -19.14 -8.17 2.43
CA SER A 29 -20.53 -7.92 2.15
C SER A 29 -21.43 -8.62 3.18
N ASN A 30 -20.82 -9.50 3.98
CA ASN A 30 -21.49 -10.24 5.10
C ASN A 30 -21.14 -9.80 6.54
N ALA A 31 -20.28 -8.81 6.67
CA ALA A 31 -19.75 -8.42 7.94
C ALA A 31 -20.78 -7.66 8.74
N ASP A 32 -20.80 -7.95 10.04
CA ASP A 32 -21.63 -7.24 11.03
C ASP A 32 -20.87 -6.07 11.63
N VAL A 33 -19.54 -6.18 11.68
CA VAL A 33 -18.67 -5.14 12.21
C VAL A 33 -17.45 -4.98 11.30
N VAL A 34 -17.19 -3.74 10.87
CA VAL A 34 -16.08 -3.44 9.99
C VAL A 34 -15.27 -2.35 10.59
N ILE A 35 -13.96 -2.55 10.55
CA ILE A 35 -13.02 -1.59 11.05
C ILE A 35 -12.09 -1.30 9.92
N TYR A 36 -12.18 -0.07 9.42
CA TYR A 36 -11.39 0.35 8.27
C TYR A 36 -10.49 1.49 8.59
N ALA A 37 -9.44 1.58 7.79
CA ALA A 37 -8.37 2.56 7.88
C ALA A 37 -8.76 3.89 7.20
N GLY A 38 -9.62 4.63 7.87
CA GLY A 38 -9.77 6.06 7.69
C GLY A 38 -9.85 6.49 6.26
N SER A 39 -8.86 7.23 5.80
CA SER A 39 -8.89 7.78 4.45
C SER A 39 -7.92 7.06 3.54
N LEU A 40 -7.23 6.06 4.09
CA LEU A 40 -6.36 5.18 3.30
C LEU A 40 -7.09 4.07 2.52
N VAL A 41 -8.31 3.78 2.92
CA VAL A 41 -9.08 2.77 2.23
C VAL A 41 -10.14 3.54 1.49
N ASN A 42 -10.41 3.16 0.25
CA ASN A 42 -11.47 3.81 -0.50
C ASN A 42 -12.88 3.60 0.09
N PRO A 43 -13.56 4.69 0.49
CA PRO A 43 -14.94 4.59 1.06
C PRO A 43 -15.97 3.84 0.17
N GLU A 44 -15.89 3.99 -1.14
CA GLU A 44 -16.72 3.22 -2.04
C GLU A 44 -16.80 1.72 -1.66
N LEU A 45 -15.73 1.14 -1.17
CA LEU A 45 -15.78 -0.27 -0.66
C LEU A 45 -16.85 -0.54 0.37
N LEU A 46 -17.01 0.39 1.29
CA LEU A 46 -17.98 0.29 2.37
C LEU A 46 -19.42 0.11 1.88
N GLU A 47 -19.68 0.41 0.61
CA GLU A 47 -21.02 0.28 0.06
C GLU A 47 -21.40 -1.15 -0.16
N TYR A 48 -20.38 -2.02 -0.17
CA TYR A 48 -20.61 -3.45 -0.27
C TYR A 48 -21.18 -4.05 1.04
N CYS A 49 -21.07 -3.33 2.16
CA CYS A 49 -21.59 -3.77 3.45
C CYS A 49 -23.12 -3.82 3.63
N LYS A 50 -23.63 -4.72 4.49
CA LYS A 50 -25.07 -4.78 4.91
C LYS A 50 -25.64 -3.43 5.40
N GLU A 51 -26.95 -3.25 5.18
CA GLU A 51 -27.58 -2.01 5.57
C GLU A 51 -27.29 -1.75 7.04
N ASP A 52 -27.34 -2.80 7.84
CA ASP A 52 -27.26 -2.67 9.29
C ASP A 52 -25.91 -3.14 9.83
N CYS A 53 -24.87 -2.70 9.16
CA CYS A 53 -23.51 -2.99 9.54
C CYS A 53 -22.95 -1.84 10.36
N GLN A 54 -22.04 -2.16 11.28
CA GLN A 54 -21.47 -1.16 12.17
C GLN A 54 -20.06 -0.89 11.77
N ILE A 55 -19.84 0.35 11.36
CA ILE A 55 -18.60 0.76 10.78
C ILE A 55 -17.83 1.55 11.81
N HIS A 56 -16.54 1.26 11.92
CA HIS A 56 -15.66 1.99 12.82
C HIS A 56 -14.45 2.38 12.04
N ASN A 57 -14.00 3.62 12.24
CA ASN A 57 -12.88 4.13 11.50
C ASN A 57 -11.62 4.23 12.35
N SER A 58 -10.77 3.22 12.22
CA SER A 58 -9.57 3.07 13.05
C SER A 58 -8.78 4.33 13.15
N ALA A 59 -8.66 5.07 12.05
CA ALA A 59 -8.02 6.39 12.06
C ALA A 59 -8.38 7.28 13.26
N HIS A 60 -9.57 7.12 13.82
CA HIS A 60 -9.93 7.93 14.99
C HIS A 60 -10.00 7.15 16.28
N MET A 61 -9.18 6.11 16.38
CA MET A 61 -9.32 5.11 17.45
C MET A 61 -7.92 4.74 17.92
N ASP A 62 -7.72 4.52 19.23
CA ASP A 62 -6.47 3.84 19.67
C ASP A 62 -6.60 2.31 19.56
N LEU A 63 -5.48 1.61 19.76
CA LEU A 63 -5.45 0.13 19.72
C LEU A 63 -6.56 -0.51 20.55
N GLN A 64 -6.60 -0.14 21.83
CA GLN A 64 -7.50 -0.78 22.77
C GLN A 64 -8.96 -0.67 22.36
N GLU A 65 -9.31 0.34 21.58
CA GLU A 65 -10.68 0.56 21.17
C GLU A 65 -11.05 -0.37 20.03
N ILE A 66 -10.12 -0.52 19.10
CA ILE A 66 -10.27 -1.51 18.04
C ILE A 66 -10.54 -2.88 18.69
N ILE A 67 -9.65 -3.33 19.56
CA ILE A 67 -9.80 -4.61 20.25
C ILE A 67 -11.14 -4.81 20.97
N ASP A 68 -11.57 -3.81 21.74
CA ASP A 68 -12.87 -3.89 22.42
C ASP A 68 -13.97 -4.13 21.39
N VAL A 69 -13.80 -3.49 20.24
CA VAL A 69 -14.84 -3.48 19.28
C VAL A 69 -14.90 -4.90 18.69
N MET A 70 -13.69 -5.45 18.42
CA MET A 70 -13.46 -6.84 17.93
C MET A 70 -14.07 -7.87 18.91
N ARG A 71 -13.60 -7.82 20.16
CA ARG A 71 -14.01 -8.75 21.18
C ARG A 71 -15.52 -8.77 21.32
N GLU A 72 -16.13 -7.59 21.34
CA GLU A 72 -17.56 -7.53 21.50
C GLU A 72 -18.28 -8.09 20.28
N GLY A 73 -17.71 -7.93 19.09
CA GLY A 73 -18.24 -8.59 17.90
C GLY A 73 -18.28 -10.11 18.07
N ILE A 74 -17.14 -10.67 18.45
CA ILE A 74 -17.06 -12.10 18.68
C ILE A 74 -18.08 -12.61 19.70
N GLU A 75 -18.12 -11.99 20.88
CA GLU A 75 -19.02 -12.39 21.96
C GLU A 75 -20.53 -12.26 21.68
N ASN A 76 -20.91 -11.47 20.67
CA ASN A 76 -22.34 -11.39 20.24
C ASN A 76 -22.57 -12.14 18.92
N ASN A 77 -21.54 -12.91 18.51
CA ASN A 77 -21.60 -13.73 17.29
C ASN A 77 -21.88 -12.86 16.07
N LYS A 78 -20.95 -11.95 15.84
CA LYS A 78 -21.03 -10.99 14.79
C LYS A 78 -19.76 -11.17 13.96
N SER A 79 -19.92 -11.22 12.64
CA SER A 79 -18.78 -11.33 11.79
C SER A 79 -17.99 -10.01 11.71
N VAL A 80 -16.68 -10.10 11.97
CA VAL A 80 -15.85 -8.93 12.20
C VAL A 80 -14.81 -8.89 11.13
N VAL A 81 -14.78 -7.80 10.38
CA VAL A 81 -13.78 -7.59 9.33
C VAL A 81 -12.99 -6.30 9.56
N ARG A 82 -11.65 -6.46 9.66
CA ARG A 82 -10.69 -5.38 9.70
C ARG A 82 -10.13 -5.18 8.29
N LEU A 83 -10.55 -4.11 7.61
CA LEU A 83 -10.08 -3.82 6.24
C LEU A 83 -8.81 -3.00 6.23
N GLN A 84 -7.72 -3.54 5.74
CA GLN A 84 -6.52 -2.74 5.66
C GLN A 84 -6.06 -2.53 4.24
N THR A 85 -5.43 -1.40 3.99
CA THR A 85 -5.07 -1.06 2.64
C THR A 85 -4.02 -1.96 2.01
N GLY A 86 -4.08 -2.04 0.67
CA GLY A 86 -3.26 -2.93 -0.15
C GLY A 86 -3.15 -4.31 0.50
N ASP A 87 -1.91 -4.68 0.79
CA ASP A 87 -1.63 -5.86 1.59
C ASP A 87 -0.73 -5.50 2.78
N PHE A 88 -1.08 -6.14 3.89
CA PHE A 88 -0.52 -5.93 5.23
C PHE A 88 0.79 -6.67 5.52
N SER A 89 1.21 -7.52 4.58
CA SER A 89 2.57 -8.07 4.59
C SER A 89 3.62 -7.02 4.12
N ILE A 90 3.20 -5.97 3.43
CA ILE A 90 4.11 -4.89 3.06
C ILE A 90 3.54 -3.59 3.58
N TYR A 91 4.08 -3.12 4.71
CA TYR A 91 3.67 -1.85 5.40
C TYR A 91 2.30 -1.88 6.06
N GLY A 92 2.04 -2.89 6.91
CA GLY A 92 0.69 -3.24 7.36
C GLY A 92 0.37 -3.19 8.84
N SER A 93 1.39 -3.22 9.71
CA SER A 93 1.16 -3.00 11.16
C SER A 93 0.05 -3.88 11.76
N ILE A 94 -0.12 -5.07 11.18
CA ILE A 94 -1.10 -6.05 11.64
C ILE A 94 -0.62 -6.76 12.93
N ARG A 95 0.69 -6.74 13.21
CA ARG A 95 1.27 -7.46 14.37
C ARG A 95 0.65 -7.00 15.70
N GLU A 96 0.52 -5.69 15.90
CA GLU A 96 -0.10 -5.17 17.12
C GLU A 96 -1.43 -5.81 17.38
N GLN A 97 -2.31 -5.79 16.37
CA GLN A 97 -3.66 -6.28 16.57
C GLN A 97 -3.66 -7.80 16.81
N VAL A 98 -2.71 -8.51 16.20
CA VAL A 98 -2.68 -9.97 16.34
C VAL A 98 -2.22 -10.37 17.73
N GLU A 99 -1.06 -9.88 18.15
CA GLU A 99 -0.62 -10.13 19.49
C GLU A 99 -1.73 -9.81 20.50
N ASP A 100 -2.33 -8.64 20.42
CA ASP A 100 -3.44 -8.33 21.33
C ASP A 100 -4.58 -9.34 21.32
N LEU A 101 -4.89 -9.94 20.16
CA LEU A 101 -5.92 -10.99 20.07
C LEU A 101 -5.47 -12.35 20.63
N ASN A 102 -4.18 -12.66 20.52
CA ASN A 102 -3.65 -13.85 21.17
C ASN A 102 -3.86 -13.73 22.67
N LYS A 103 -3.28 -12.67 23.26
CA LYS A 103 -3.60 -12.24 24.62
C LYS A 103 -5.01 -12.70 25.02
N LEU A 104 -6.04 -12.37 24.22
CA LEU A 104 -7.44 -12.67 24.56
C LEU A 104 -7.93 -14.04 24.05
N ASN A 105 -7.10 -14.77 23.32
CA ASN A 105 -7.49 -16.10 22.83
C ASN A 105 -8.58 -16.04 21.75
N ILE A 106 -8.49 -15.04 20.88
CA ILE A 106 -9.48 -14.85 19.81
C ILE A 106 -8.89 -15.37 18.47
N ASP A 107 -9.63 -16.29 17.84
CA ASP A 107 -9.24 -16.85 16.56
C ASP A 107 -9.41 -15.75 15.52
N TYR A 108 -8.50 -15.69 14.56
CA TYR A 108 -8.67 -14.80 13.43
C TYR A 108 -8.13 -15.49 12.16
N ASP A 109 -8.25 -14.81 11.03
CA ASP A 109 -7.55 -15.21 9.78
C ASP A 109 -7.24 -14.00 8.91
N CYS A 110 -6.49 -14.29 7.86
CA CYS A 110 -5.90 -13.27 7.05
C CYS A 110 -6.23 -13.52 5.56
N THR A 111 -6.61 -12.47 4.83
CA THR A 111 -7.01 -12.62 3.42
C THR A 111 -6.21 -11.58 2.64
N PRO A 112 -5.25 -12.01 1.83
CA PRO A 112 -4.39 -11.04 1.15
C PRO A 112 -5.10 -10.22 0.12
N GLY A 113 -4.51 -9.06 -0.22
CA GLY A 113 -4.97 -8.21 -1.33
C GLY A 113 -3.90 -7.79 -2.31
N VAL A 114 -4.33 -7.13 -3.38
CA VAL A 114 -3.45 -6.55 -4.40
C VAL A 114 -2.68 -5.32 -3.92
N SER A 115 -1.35 -5.46 -3.81
CA SER A 115 -0.50 -4.33 -3.42
C SER A 115 -0.59 -3.18 -4.42
N SER A 116 -0.35 -1.96 -3.96
CA SER A 116 -0.51 -0.80 -4.86
C SER A 116 0.58 -0.79 -5.89
N PHE A 117 1.74 -1.33 -5.53
CA PHE A 117 2.75 -1.41 -6.54
C PHE A 117 2.37 -2.37 -7.68
N LEU A 118 1.52 -3.36 -7.41
CA LEU A 118 0.95 -4.19 -8.51
C LEU A 118 -0.05 -3.39 -9.33
N GLY A 119 -0.90 -2.63 -8.60
CA GLY A 119 -1.88 -1.72 -9.22
C GLY A 119 -1.21 -0.72 -10.12
N ALA A 120 -0.10 -0.16 -9.63
CA ALA A 120 0.72 0.84 -10.39
C ALA A 120 1.27 0.26 -11.66
N ALA A 121 1.86 -0.94 -11.58
CA ALA A 121 2.31 -1.58 -12.81
C ALA A 121 1.19 -1.74 -13.88
N SER A 122 0.02 -2.29 -13.51
CA SER A 122 -1.03 -2.59 -14.49
C SER A 122 -1.48 -1.31 -15.11
N SER A 123 -1.70 -0.38 -14.19
CA SER A 123 -2.09 0.97 -14.50
C SER A 123 -1.12 1.58 -15.49
N LEU A 124 0.17 1.43 -15.24
CA LEU A 124 1.16 1.85 -16.24
C LEU A 124 1.36 0.87 -17.42
N GLY A 125 0.68 -0.29 -17.40
CA GLY A 125 0.96 -1.37 -18.37
C GLY A 125 2.46 -1.61 -18.53
N VAL A 126 3.08 -2.15 -17.48
CA VAL A 126 4.54 -2.23 -17.43
C VAL A 126 4.84 -3.43 -16.56
N GLU A 127 6.05 -3.98 -16.73
CA GLU A 127 6.46 -5.21 -16.04
C GLU A 127 7.77 -4.96 -15.39
N TYR A 128 7.83 -5.24 -14.08
CA TYR A 128 9.04 -5.08 -13.27
C TYR A 128 10.21 -5.94 -13.77
N THR A 129 9.87 -7.16 -14.14
CA THR A 129 10.87 -8.14 -14.57
C THR A 129 10.81 -8.29 -16.08
N VAL A 130 11.86 -7.88 -16.76
CA VAL A 130 11.83 -7.93 -18.19
C VAL A 130 13.17 -8.48 -18.65
N PRO A 131 13.13 -9.63 -19.38
CA PRO A 131 14.29 -10.41 -19.85
C PRO A 131 15.46 -9.55 -20.36
N GLU A 132 16.66 -9.83 -19.80
CA GLU A 132 17.96 -9.14 -20.08
C GLU A 132 18.11 -7.72 -19.47
N ILE A 133 17.01 -7.24 -18.88
CA ILE A 133 16.94 -5.92 -18.25
C ILE A 133 16.94 -6.01 -16.68
N SER A 134 15.95 -6.69 -16.12
CA SER A 134 15.97 -7.07 -14.71
C SER A 134 15.10 -8.29 -14.44
N GLN A 135 15.60 -9.09 -13.50
CA GLN A 135 14.96 -10.29 -13.03
C GLN A 135 14.57 -10.13 -11.58
N SER A 136 14.74 -8.92 -11.05
CA SER A 136 14.44 -8.59 -9.67
C SER A 136 13.69 -7.28 -9.48
N VAL A 137 13.12 -7.10 -8.28
CA VAL A 137 12.59 -5.85 -7.77
C VAL A 137 12.99 -5.67 -6.33
N ILE A 138 13.31 -4.44 -5.99
CA ILE A 138 13.56 -4.07 -4.61
C ILE A 138 12.45 -3.11 -4.29
N ILE A 139 11.88 -3.36 -3.12
CA ILE A 139 10.75 -2.56 -2.66
C ILE A 139 11.20 -1.94 -1.35
N THR A 140 11.14 -0.61 -1.30
CA THR A 140 11.53 0.09 -0.10
C THR A 140 10.69 1.36 0.08
N ARG A 141 11.00 2.13 1.11
CA ARG A 141 10.34 3.38 1.41
C ARG A 141 11.30 4.33 2.11
N MET A 142 11.10 5.64 1.89
CA MET A 142 11.87 6.72 2.54
C MET A 142 11.06 7.33 3.68
N THR A 146 14.61 12.08 9.31
CA THR A 146 14.36 10.84 10.04
C THR A 146 15.10 9.65 9.36
N PRO A 147 16.11 9.05 10.03
CA PRO A 147 17.29 8.28 9.46
C PRO A 147 17.22 6.73 9.27
N VAL A 148 18.15 6.20 8.43
CA VAL A 148 18.09 4.82 7.83
C VAL A 148 19.50 4.16 7.72
N PRO A 149 19.67 2.91 8.23
CA PRO A 149 21.03 2.29 8.25
C PRO A 149 21.61 2.09 6.83
N GLU A 150 22.89 2.41 6.65
CA GLU A 150 23.59 2.38 5.35
C GLU A 150 23.34 1.19 4.41
N LYS A 151 23.34 0.00 4.94
CA LYS A 151 23.18 -1.18 4.09
C LYS A 151 21.77 -1.39 3.64
N GLU A 152 20.92 -0.41 3.94
CA GLU A 152 19.51 -0.55 3.63
C GLU A 152 19.00 0.78 3.06
N SER A 153 19.96 1.66 2.72
CA SER A 153 19.62 2.96 2.14
C SER A 153 19.28 2.77 0.69
N ILE A 154 18.53 3.74 0.14
CA ILE A 154 18.28 3.82 -1.31
C ILE A 154 19.60 3.78 -2.08
N GLN A 155 20.61 4.59 -1.72
CA GLN A 155 21.93 4.58 -2.45
C GLN A 155 22.44 3.17 -2.52
N SER A 156 22.39 2.47 -1.40
CA SER A 156 22.96 1.15 -1.32
C SER A 156 22.20 0.23 -2.23
N TYR A 157 20.86 0.27 -2.18
CA TYR A 157 20.08 -0.58 -3.12
C TYR A 157 20.27 -0.22 -4.58
N ALA A 158 20.45 1.08 -4.83
CA ALA A 158 20.69 1.57 -6.21
C ALA A 158 21.85 0.85 -6.94
N LYS A 159 22.97 0.64 -6.25
CA LYS A 159 24.08 -0.21 -6.75
C LYS A 159 23.72 -1.40 -7.62
N HIS A 160 22.57 -2.03 -7.42
CA HIS A 160 22.18 -3.16 -8.29
C HIS A 160 21.59 -2.73 -9.59
N GLN A 161 21.35 -1.45 -9.82
CA GLN A 161 20.70 -1.09 -11.10
C GLN A 161 19.51 -1.97 -11.55
N THR A 162 18.82 -2.63 -10.64
CA THR A 162 17.59 -3.40 -10.97
C THR A 162 16.36 -2.49 -10.89
N SER A 163 15.18 -3.03 -11.08
CA SER A 163 13.96 -2.27 -10.83
C SER A 163 13.68 -1.99 -9.32
N MET A 164 13.25 -0.77 -9.00
CA MET A 164 12.97 -0.39 -7.63
C MET A 164 11.55 0.20 -7.49
N VAL A 165 10.92 -0.14 -6.37
CA VAL A 165 9.72 0.58 -5.94
C VAL A 165 9.97 1.27 -4.62
N ILE A 166 9.69 2.56 -4.57
CA ILE A 166 9.96 3.37 -3.36
C ILE A 166 8.70 4.15 -3.03
N PHE A 167 8.10 3.82 -1.88
CA PHE A 167 7.03 4.61 -1.25
C PHE A 167 7.66 5.86 -0.63
N LEU A 168 7.28 7.07 -1.07
CA LEU A 168 7.68 8.29 -0.33
C LEU A 168 6.63 9.37 0.00
N SER A 169 7.06 10.50 0.60
CA SER A 169 6.22 11.68 0.90
C SER A 169 6.24 12.80 -0.15
N VAL A 170 6.98 12.60 -1.25
CA VAL A 170 6.97 13.47 -2.47
C VAL A 170 7.75 14.77 -2.38
N GLN A 171 7.68 15.43 -1.22
CA GLN A 171 8.45 16.64 -0.96
C GLN A 171 9.93 16.25 -0.82
N GLU A 172 10.12 14.97 -0.51
CA GLU A 172 11.43 14.37 -0.35
C GLU A 172 12.03 13.92 -1.70
N ILE A 173 11.35 14.25 -2.80
CA ILE A 173 11.80 13.86 -4.16
C ILE A 173 13.26 14.15 -4.45
N GLU A 174 13.79 15.23 -3.92
CA GLU A 174 15.11 15.59 -4.34
C GLU A 174 16.12 14.74 -3.61
N LYS A 175 15.90 14.43 -2.33
CA LYS A 175 16.81 13.52 -1.61
C LYS A 175 16.85 12.19 -2.38
N VAL A 176 15.68 11.65 -2.75
CA VAL A 176 15.69 10.32 -3.36
C VAL A 176 16.32 10.26 -4.74
N VAL A 177 16.02 11.23 -5.60
CA VAL A 177 16.72 11.35 -6.86
C VAL A 177 18.25 11.37 -6.65
N SER A 178 18.70 12.10 -5.66
CA SER A 178 20.16 12.28 -5.57
C SER A 178 20.80 10.98 -5.06
N LYS A 179 20.07 10.25 -4.21
CA LYS A 179 20.50 8.93 -3.76
C LYS A 179 20.56 7.90 -4.89
N LEU A 180 19.56 7.95 -5.75
CA LEU A 180 19.56 7.12 -6.94
C LEU A 180 20.79 7.36 -7.86
N LEU A 181 21.10 8.63 -8.12
CA LEU A 181 22.21 8.99 -8.97
C LEU A 181 23.51 8.57 -8.28
N GLU A 182 23.52 8.77 -6.97
CA GLU A 182 24.67 8.47 -6.10
C GLU A 182 25.02 6.99 -6.10
N GLY A 183 24.02 6.12 -6.12
CA GLY A 183 24.26 4.69 -6.19
C GLY A 183 24.46 4.25 -7.63
N GLY A 184 24.40 5.22 -8.55
CA GLY A 184 24.91 4.99 -9.90
C GLY A 184 23.89 4.87 -10.99
N TYR A 185 22.61 5.14 -10.72
CA TYR A 185 21.67 5.19 -11.85
C TYR A 185 22.09 6.41 -12.68
N PRO A 186 22.21 6.24 -14.00
CA PRO A 186 22.41 7.34 -14.97
C PRO A 186 21.22 8.30 -15.12
N LYS A 187 21.53 9.55 -15.45
CA LYS A 187 20.56 10.65 -15.42
C LYS A 187 19.37 10.44 -16.32
N ASP A 188 19.55 9.61 -17.35
CA ASP A 188 18.49 9.34 -18.31
C ASP A 188 17.58 8.16 -17.91
N THR A 189 17.93 7.50 -16.80
CA THR A 189 17.17 6.40 -16.27
C THR A 189 15.70 6.79 -16.20
N PRO A 190 14.79 6.00 -16.80
CA PRO A 190 13.40 6.40 -16.66
C PRO A 190 12.91 6.25 -15.23
N ILE A 191 12.00 7.14 -14.85
CA ILE A 191 11.32 7.03 -13.59
C ILE A 191 9.89 7.54 -13.69
N ALA A 192 9.03 6.92 -12.88
CA ALA A 192 7.66 7.36 -12.75
C ALA A 192 7.25 7.47 -11.29
N VAL A 193 6.42 8.50 -11.05
CA VAL A 193 5.79 8.84 -9.78
C VAL A 193 4.28 8.76 -10.01
N ILE A 194 3.61 7.96 -9.18
CA ILE A 194 2.16 7.68 -9.27
C ILE A 194 1.51 8.00 -7.94
N TYR A 195 0.46 8.79 -8.00
CA TYR A 195 -0.30 9.13 -6.82
C TYR A 195 -1.61 8.33 -6.87
N LYS A 196 -2.01 7.68 -5.76
CA LYS A 196 -3.30 6.98 -5.66
C LYS A 196 -3.51 6.02 -6.84
N ALA A 197 -2.59 5.10 -6.98
CA ALA A 197 -2.63 4.19 -8.10
C ALA A 197 -3.99 3.48 -8.11
N THR A 198 -4.67 3.53 -9.25
CA THR A 198 -6.01 2.87 -9.52
C THR A 198 -7.24 3.53 -8.89
N TRP A 199 -7.04 4.58 -8.12
CA TRP A 199 -8.17 5.37 -7.67
C TRP A 199 -8.65 6.22 -8.83
N ALA A 200 -9.88 6.74 -8.73
CA ALA A 200 -10.40 7.61 -9.81
C ALA A 200 -9.43 8.78 -10.09
N ASP A 201 -8.91 9.35 -9.02
CA ASP A 201 -8.03 10.51 -9.16
C ASP A 201 -6.52 10.18 -9.40
N GLU A 202 -6.14 8.95 -9.70
CA GLU A 202 -4.72 8.64 -9.87
C GLU A 202 -4.07 9.60 -10.87
N LYS A 203 -2.80 9.97 -10.65
CA LYS A 203 -2.02 10.74 -11.65
C LYS A 203 -0.61 10.17 -11.78
N ILE A 204 -0.10 10.25 -13.00
CA ILE A 204 1.15 9.63 -13.35
C ILE A 204 2.07 10.71 -13.89
N VAL A 205 3.24 10.87 -13.23
CA VAL A 205 4.25 11.77 -13.79
C VAL A 205 5.41 10.88 -14.20
N LYS A 206 5.65 10.90 -15.51
CA LYS A 206 6.69 10.16 -16.18
C LYS A 206 7.90 11.04 -16.48
N GLY A 207 9.10 10.50 -16.37
CA GLY A 207 10.27 11.30 -16.71
C GLY A 207 11.56 10.52 -16.66
N THR A 208 12.67 11.24 -16.46
CA THR A 208 13.97 10.65 -16.12
C THR A 208 14.51 11.24 -14.84
N LEU A 209 15.65 10.71 -14.38
CA LEU A 209 16.19 11.15 -13.12
C LEU A 209 16.52 12.65 -13.00
N SER A 210 16.96 13.27 -14.08
CA SER A 210 17.27 14.70 -14.04
C SER A 210 16.05 15.63 -13.94
N ASP A 211 14.95 15.23 -14.59
CA ASP A 211 13.86 16.17 -14.87
C ASP A 211 12.57 16.00 -14.07
N ILE A 212 12.60 15.05 -13.15
CA ILE A 212 11.38 14.59 -12.57
C ILE A 212 11.10 15.41 -11.31
N ALA A 213 12.18 15.90 -10.69
CA ALA A 213 12.13 16.77 -9.52
C ALA A 213 11.29 17.98 -9.90
N VAL A 214 11.72 18.68 -10.97
CA VAL A 214 10.93 19.72 -11.61
C VAL A 214 9.50 19.27 -11.93
N LYS A 215 9.35 18.16 -12.65
CA LYS A 215 8.03 17.73 -13.13
C LYS A 215 7.05 17.46 -11.99
N VAL A 216 7.60 17.03 -10.88
CA VAL A 216 6.83 16.78 -9.69
C VAL A 216 6.44 18.09 -9.01
N LYS A 217 7.37 19.03 -8.92
CA LYS A 217 7.06 20.31 -8.29
C LYS A 217 5.99 21.04 -9.10
N GLU A 218 6.09 20.95 -10.43
CA GLU A 218 5.23 21.67 -11.37
C GLU A 218 3.88 20.98 -11.60
N ASN A 219 3.78 19.73 -11.17
CA ASN A 219 2.48 19.11 -10.99
C ASN A 219 1.87 19.46 -9.63
N ASN A 220 2.70 20.09 -8.78
CA ASN A 220 2.35 20.45 -7.40
C ASN A 220 1.81 19.28 -6.59
N ILE A 221 1.23 18.30 -7.29
CA ILE A 221 0.50 17.20 -6.63
C ILE A 221 1.26 16.75 -5.35
N ASN A 222 0.59 17.00 -4.22
CA ASN A 222 1.06 16.72 -2.88
C ASN A 222 0.69 15.28 -2.54
N LYS A 223 0.74 14.94 -1.24
CA LYS A 223 0.36 13.59 -0.77
C LYS A 223 1.47 12.53 -1.07
N THR A 224 1.34 11.33 -0.48
CA THR A 224 2.30 10.25 -0.68
C THR A 224 2.19 9.61 -2.10
N ALA A 225 3.30 9.15 -2.64
CA ALA A 225 3.32 8.46 -3.94
C ALA A 225 4.14 7.17 -3.93
N LEU A 226 4.02 6.39 -5.01
CA LEU A 226 4.99 5.36 -5.42
C LEU A 226 5.93 5.96 -6.43
N ILE A 227 7.22 5.81 -6.16
CA ILE A 227 8.09 5.94 -7.28
C ILE A 227 8.62 4.62 -7.77
N MET A 228 8.54 4.49 -9.09
CA MET A 228 9.06 3.38 -9.84
C MET A 228 10.31 3.80 -10.65
N VAL A 229 11.41 3.06 -10.50
CA VAL A 229 12.68 3.41 -11.12
C VAL A 229 13.27 2.24 -11.91
N GLY A 230 13.76 2.51 -13.11
CA GLY A 230 14.55 1.52 -13.83
C GLY A 230 14.31 1.43 -15.31
N ARG A 231 15.18 0.66 -15.97
CA ARG A 231 15.14 0.54 -17.42
C ARG A 231 13.83 -0.08 -17.84
N PHE A 232 13.16 -0.75 -16.89
CA PHE A 232 11.93 -1.50 -17.18
C PHE A 232 10.78 -0.59 -17.56
N LEU A 233 10.93 0.70 -17.28
CA LEU A 233 9.99 1.73 -17.75
C LEU A 233 10.21 2.11 -19.22
N GLY A 234 11.42 1.86 -19.74
CA GLY A 234 11.72 2.00 -21.16
C GLY A 234 10.87 1.13 -22.08
N GLU A 235 10.08 0.19 -21.50
CA GLU A 235 9.11 -0.77 -22.19
C GLU A 235 7.64 -0.66 -21.71
#